data_7CPW
#
_entry.id   7CPW
#
_cell.length_a   51.049
_cell.length_b   64.544
_cell.length_c   172.673
_cell.angle_alpha   90.000
_cell.angle_beta   90.000
_cell.angle_gamma   90.000
#
_symmetry.space_group_name_H-M   'P 2 2 21'
#
loop_
_entity.id
_entity.type
_entity.pdbx_description
1 polymer 'DNA polymerase beta-like protein'
2 polymer "DNA (5'-D(*CP*GP*TP*GP*AP*TP*CP*GP*GP*AP*GP*AP*CP*GP*AP*TP*CP*AP*CP*G)-3')"
3 water water
#
loop_
_entity_poly.entity_id
_entity_poly.type
_entity_poly.pdbx_seq_one_letter_code
_entity_poly.pdbx_strand_id
1 'polypeptide(L)'
;SGGGMLTLIQGKKIVNHLRSRLAFEYNGQLIKILSKNIVAVGSLRREEKMLNDVDLLIIVPEKKLLKHVLPNIRIKGLSF
SVKVCGERKCVLFIEWEKKTYQLDLFTALAEEKPYAIFHFTGPVSYLIRIRAALKKKNYKLNQYGLFKNQTLVPLKITTE
KELIKELGFTYRIPKKRL
;
A,B
2 'polydeoxyribonucleotide' (DC)(DG)(DT)(DG)(DA)(DT)(DC)(DG)(DG)(DA)(DG)(DA)(DC)(DG)(DA)(DT)(DC)(DA)(DC)(DG) a,b
#
loop_
_chem_comp.id
_chem_comp.type
_chem_comp.name
_chem_comp.formula
DA DNA linking 2'-DEOXYADENOSINE-5'-MONOPHOSPHATE 'C10 H14 N5 O6 P'
DC DNA linking 2'-DEOXYCYTIDINE-5'-MONOPHOSPHATE 'C9 H14 N3 O7 P'
DG DNA linking 2'-DEOXYGUANOSINE-5'-MONOPHOSPHATE 'C10 H14 N5 O7 P'
DT DNA linking THYMIDINE-5'-MONOPHOSPHATE 'C10 H15 N2 O8 P'
#
# COMPACT_ATOMS: atom_id res chain seq x y z
N GLY A 4 3.29 -2.49 2.56
CA GLY A 4 2.98 -1.17 2.06
C GLY A 4 2.97 -1.09 0.55
N MET A 5 2.36 -0.03 0.02
CA MET A 5 2.24 0.15 -1.42
C MET A 5 3.33 1.07 -1.94
N LEU A 6 3.73 0.83 -3.19
CA LEU A 6 4.82 1.56 -3.82
C LEU A 6 4.49 1.74 -5.29
N THR A 7 5.03 2.80 -5.89
CA THR A 7 4.85 3.01 -7.31
C THR A 7 5.63 1.97 -8.12
N LEU A 8 5.28 1.86 -9.40
CA LEU A 8 6.00 0.95 -10.29
C LEU A 8 7.44 1.40 -10.49
N ILE A 9 7.67 2.72 -10.48
CA ILE A 9 9.03 3.23 -10.65
C ILE A 9 9.89 2.84 -9.46
N GLN A 10 9.35 2.98 -8.25
CA GLN A 10 10.06 2.51 -7.07
C GLN A 10 10.27 1.01 -7.13
N GLY A 11 9.27 0.26 -7.63
CA GLY A 11 9.42 -1.17 -7.80
C GLY A 11 10.60 -1.54 -8.68
N LYS A 12 10.71 -0.89 -9.85
CA LYS A 12 11.82 -1.16 -10.75
C LYS A 12 13.15 -0.86 -10.07
N LYS A 13 13.24 0.27 -9.35
CA LYS A 13 14.47 0.61 -8.65
C LYS A 13 14.81 -0.43 -7.58
N ILE A 14 13.80 -0.92 -6.87
CA ILE A 14 14.03 -1.95 -5.85
C ILE A 14 14.55 -3.23 -6.48
N VAL A 15 13.91 -3.67 -7.56
CA VAL A 15 14.31 -4.92 -8.21
C VAL A 15 15.72 -4.80 -8.77
N ASN A 16 16.03 -3.68 -9.42
CA ASN A 16 17.36 -3.48 -9.98
C ASN A 16 18.43 -3.55 -8.90
N HIS A 17 18.13 -3.07 -7.70
CA HIS A 17 19.04 -3.20 -6.58
C HIS A 17 19.30 -4.66 -6.24
N LEU A 18 18.23 -5.46 -6.15
CA LEU A 18 18.36 -6.83 -5.64
C LEU A 18 19.06 -7.76 -6.63
N ARG A 19 18.95 -7.47 -7.93
CA ARG A 19 19.43 -8.41 -8.95
C ARG A 19 20.88 -8.84 -8.71
N SER A 20 21.71 -7.92 -8.23
CA SER A 20 23.11 -8.22 -7.93
C SER A 20 23.35 -8.65 -6.50
N ARG A 21 22.39 -8.49 -5.60
CA ARG A 21 22.59 -8.64 -4.16
C ARG A 21 21.68 -9.69 -3.54
N LEU A 22 21.50 -10.84 -4.20
CA LEU A 22 20.83 -11.96 -3.56
C LEU A 22 21.72 -13.19 -3.61
N ALA A 23 21.54 -14.07 -2.63
CA ALA A 23 22.47 -15.16 -2.38
C ALA A 23 21.87 -16.09 -1.33
N PHE A 24 22.38 -17.32 -1.32
CA PHE A 24 22.03 -18.32 -0.32
C PHE A 24 23.29 -19.03 0.12
N GLU A 25 23.29 -19.49 1.37
CA GLU A 25 24.45 -20.19 1.92
C GLU A 25 24.21 -21.69 1.83
N TYR A 26 25.17 -22.40 1.25
CA TYR A 26 25.07 -23.83 0.94
C TYR A 26 26.09 -24.58 1.77
N ASN A 27 25.64 -25.17 2.88
CA ASN A 27 26.50 -25.84 3.86
C ASN A 27 27.63 -24.92 4.34
N GLY A 28 27.29 -23.68 4.65
CA GLY A 28 28.21 -22.73 5.23
C GLY A 28 28.82 -21.73 4.27
N GLN A 29 28.93 -22.07 2.98
CA GLN A 29 29.49 -21.17 1.99
C GLN A 29 28.35 -20.45 1.27
N LEU A 30 28.59 -19.20 0.91
CA LEU A 30 27.53 -18.33 0.42
C LEU A 30 27.61 -18.20 -1.09
N ILE A 31 26.65 -18.80 -1.80
CA ILE A 31 26.54 -18.77 -3.25
C ILE A 31 25.50 -17.73 -3.61
N LYS A 32 25.81 -16.89 -4.60
CA LYS A 32 24.88 -15.87 -5.10
C LYS A 32 24.00 -16.40 -6.26
N ILE A 33 22.85 -15.77 -6.46
CA ILE A 33 21.90 -16.11 -7.51
C ILE A 33 22.20 -15.19 -8.67
N LEU A 34 22.26 -15.72 -9.89
CA LEU A 34 22.62 -14.84 -10.99
C LEU A 34 21.38 -14.15 -11.57
N SER A 35 21.58 -12.91 -12.01
CA SER A 35 20.47 -12.12 -12.55
C SER A 35 19.74 -12.88 -13.64
N LYS A 36 20.49 -13.59 -14.49
CA LYS A 36 19.92 -14.54 -15.44
C LYS A 36 18.74 -15.31 -14.85
N ASN A 37 18.94 -15.88 -13.66
CA ASN A 37 17.95 -16.73 -13.02
C ASN A 37 16.99 -15.97 -12.10
N ILE A 38 16.85 -14.66 -12.28
CA ILE A 38 15.89 -13.84 -11.53
C ILE A 38 14.90 -13.21 -12.50
N VAL A 39 13.61 -13.41 -12.25
CA VAL A 39 12.56 -12.92 -13.13
C VAL A 39 11.55 -12.13 -12.31
N ALA A 40 11.35 -10.86 -12.67
CA ALA A 40 10.32 -10.05 -12.04
C ALA A 40 8.94 -10.50 -12.51
N VAL A 41 8.04 -10.76 -11.55
CA VAL A 41 6.70 -11.26 -11.86
C VAL A 41 5.65 -10.48 -11.08
N GLY A 42 4.45 -11.07 -10.97
CA GLY A 42 3.37 -10.45 -10.23
C GLY A 42 2.83 -9.21 -10.92
N SER A 43 2.21 -8.34 -10.12
CA SER A 43 1.68 -7.08 -10.63
C SER A 43 2.77 -6.23 -11.25
N LEU A 44 4.03 -6.43 -10.85
CA LEU A 44 5.13 -5.68 -11.44
C LEU A 44 5.30 -5.99 -12.92
N ARG A 45 5.20 -7.28 -13.29
CA ARG A 45 5.31 -7.64 -14.70
C ARG A 45 4.09 -7.16 -15.49
N ARG A 46 2.92 -7.13 -14.84
CA ARG A 46 1.71 -6.59 -15.47
C ARG A 46 1.75 -5.08 -15.62
N GLU A 47 2.78 -4.43 -15.08
CA GLU A 47 2.95 -2.97 -15.15
C GLU A 47 1.71 -2.23 -14.67
N GLU A 48 1.31 -2.51 -13.43
CA GLU A 48 0.29 -1.72 -12.75
C GLU A 48 0.91 -0.46 -12.14
N LYS A 49 0.11 0.57 -12.02
CA LYS A 49 0.57 1.79 -11.44
C LYS A 49 0.96 1.66 -9.98
N MET A 50 0.16 0.94 -9.20
CA MET A 50 0.36 0.79 -7.78
C MET A 50 0.58 -0.65 -7.42
N LEU A 51 1.53 -0.95 -6.56
CA LEU A 51 1.76 -2.33 -6.16
C LEU A 51 1.71 -2.55 -4.69
N ASN A 52 1.07 -3.61 -4.20
CA ASN A 52 1.12 -3.89 -2.78
C ASN A 52 2.29 -4.78 -2.38
N ASP A 53 3.03 -5.32 -3.34
CA ASP A 53 4.18 -6.16 -3.05
C ASP A 53 5.12 -6.13 -4.25
N VAL A 54 6.28 -6.76 -4.07
CA VAL A 54 7.26 -6.96 -5.15
C VAL A 54 7.54 -8.45 -5.23
N ASP A 55 7.15 -9.07 -6.34
CA ASP A 55 7.27 -10.51 -6.52
C ASP A 55 8.39 -10.82 -7.51
N LEU A 56 9.32 -11.66 -7.11
CA LEU A 56 10.35 -12.17 -8.00
C LEU A 56 10.35 -13.68 -7.96
N LEU A 57 10.75 -14.30 -9.07
CA LEU A 57 10.79 -15.74 -9.23
C LEU A 57 12.22 -16.14 -9.56
N ILE A 58 12.79 -17.03 -8.75
CA ILE A 58 14.18 -17.44 -8.87
C ILE A 58 14.22 -18.84 -9.45
N ILE A 59 15.01 -19.01 -10.51
CA ILE A 59 15.14 -20.30 -11.18
C ILE A 59 16.32 -21.05 -10.58
N VAL A 60 16.03 -22.20 -9.97
CA VAL A 60 17.06 -23.05 -9.37
C VAL A 60 17.48 -24.06 -10.42
N PRO A 61 18.78 -24.17 -10.73
CA PRO A 61 19.18 -25.01 -11.86
C PRO A 61 19.39 -26.48 -11.48
N GLU A 62 18.96 -26.88 -10.28
CA GLU A 62 19.14 -28.25 -9.78
C GLU A 62 18.13 -28.51 -8.67
N LYS A 63 17.46 -29.67 -8.76
CA LYS A 63 16.38 -30.01 -7.83
C LYS A 63 16.87 -30.10 -6.39
N LYS A 64 18.10 -30.57 -6.18
CA LYS A 64 18.60 -30.75 -4.82
C LYS A 64 18.72 -29.42 -4.07
N LEU A 65 18.93 -28.32 -4.79
CA LEU A 65 19.17 -27.03 -4.16
C LEU A 65 17.91 -26.38 -3.59
N LEU A 66 16.72 -26.95 -3.84
CA LEU A 66 15.51 -26.37 -3.28
C LEU A 66 15.54 -26.37 -1.76
N LYS A 67 16.20 -27.36 -1.17
CA LYS A 67 16.43 -27.39 0.27
C LYS A 67 17.05 -26.09 0.78
N HIS A 68 17.98 -25.52 0.01
CA HIS A 68 18.94 -24.56 0.55
C HIS A 68 18.74 -23.13 0.09
N VAL A 69 18.00 -22.88 -0.99
CA VAL A 69 17.95 -21.54 -1.58
C VAL A 69 17.10 -20.61 -0.74
N LEU A 70 15.77 -20.84 -0.72
CA LEU A 70 14.89 -19.94 0.01
C LEU A 70 15.10 -19.98 1.53
N PRO A 71 15.23 -21.14 2.18
CA PRO A 71 15.41 -21.11 3.64
C PRO A 71 16.73 -20.52 4.09
N ASN A 72 17.73 -20.39 3.21
CA ASN A 72 18.99 -19.74 3.54
C ASN A 72 19.21 -18.48 2.70
N ILE A 73 18.12 -17.81 2.31
CA ILE A 73 18.22 -16.62 1.47
C ILE A 73 18.93 -15.50 2.24
N ARG A 74 19.83 -14.79 1.53
CA ARG A 74 20.58 -13.68 2.10
C ARG A 74 20.55 -12.50 1.14
N ILE A 75 20.51 -11.29 1.71
CA ILE A 75 20.46 -10.06 0.94
C ILE A 75 21.59 -9.15 1.39
N LYS A 76 22.48 -8.81 0.46
CA LYS A 76 23.63 -7.95 0.74
C LYS A 76 23.20 -6.60 1.30
N GLY A 77 23.58 -6.34 2.54
CA GLY A 77 23.40 -5.05 3.18
C GLY A 77 22.00 -4.47 3.06
N LEU A 78 21.04 -5.09 3.73
CA LEU A 78 19.65 -4.66 3.69
C LEU A 78 18.88 -5.31 4.81
N SER A 79 18.20 -4.51 5.62
CA SER A 79 17.46 -5.03 6.77
C SER A 79 16.17 -5.66 6.29
N PHE A 80 15.89 -6.88 6.76
CA PHE A 80 14.65 -7.54 6.43
C PHE A 80 14.35 -8.59 7.49
N SER A 81 13.06 -8.85 7.69
CA SER A 81 12.59 -9.92 8.55
C SER A 81 11.85 -10.96 7.72
N VAL A 82 11.72 -12.15 8.30
CA VAL A 82 11.08 -13.27 7.63
C VAL A 82 9.64 -13.37 8.14
N LYS A 83 8.68 -13.28 7.23
CA LYS A 83 7.28 -13.54 7.59
C LYS A 83 7.04 -15.03 7.66
N VAL A 84 7.05 -15.70 6.50
CA VAL A 84 7.04 -17.15 6.40
C VAL A 84 8.00 -17.53 5.28
N CYS A 85 8.47 -18.77 5.32
CA CYS A 85 9.45 -19.23 4.34
C CYS A 85 9.45 -20.74 4.28
N GLY A 86 9.37 -21.28 3.07
CA GLY A 86 9.57 -22.70 2.82
C GLY A 86 10.47 -22.89 1.62
N GLU A 87 10.43 -24.08 1.03
CA GLU A 87 11.28 -24.35 -0.13
CA GLU A 87 11.28 -24.35 -0.13
C GLU A 87 10.75 -23.66 -1.38
N ARG A 88 9.45 -23.40 -1.46
CA ARG A 88 8.85 -22.89 -2.68
C ARG A 88 8.41 -21.43 -2.60
N LYS A 89 8.04 -20.93 -1.42
CA LYS A 89 7.60 -19.55 -1.29
C LYS A 89 8.20 -18.92 -0.05
N CYS A 90 8.71 -17.69 -0.21
CA CYS A 90 9.36 -16.94 0.85
C CYS A 90 8.86 -15.50 0.81
N VAL A 91 8.35 -15.02 1.94
CA VAL A 91 7.76 -13.69 2.05
C VAL A 91 8.62 -12.86 3.00
N LEU A 92 9.14 -11.74 2.48
CA LEU A 92 10.04 -10.86 3.19
C LEU A 92 9.36 -9.53 3.50
N PHE A 93 9.75 -8.94 4.61
CA PHE A 93 9.45 -7.54 4.91
C PHE A 93 10.78 -6.79 4.82
N ILE A 94 10.95 -6.02 3.74
CA ILE A 94 12.22 -5.38 3.41
C ILE A 94 12.16 -3.94 3.91
N GLU A 95 13.33 -3.37 4.22
CA GLU A 95 13.42 -1.96 4.60
C GLU A 95 14.10 -1.21 3.46
N TRP A 96 13.35 -0.31 2.81
CA TRP A 96 13.83 0.45 1.67
C TRP A 96 13.73 1.93 2.00
N GLU A 97 14.85 2.58 2.25
CA GLU A 97 14.91 4.02 2.51
C GLU A 97 13.90 4.43 3.58
N LYS A 98 14.09 3.87 4.78
CA LYS A 98 13.26 4.16 5.95
C LYS A 98 11.78 3.82 5.71
N LYS A 99 11.49 2.79 4.93
CA LYS A 99 10.12 2.32 4.77
C LYS A 99 10.12 0.81 4.61
N THR A 100 8.96 0.20 4.83
CA THR A 100 8.81 -1.25 4.84
C THR A 100 7.91 -1.69 3.70
N TYR A 101 8.41 -2.61 2.88
CA TYR A 101 7.66 -3.15 1.75
C TYR A 101 7.73 -4.66 1.74
N GLN A 102 6.60 -5.29 1.40
CA GLN A 102 6.51 -6.73 1.27
C GLN A 102 7.20 -7.22 0.00
N LEU A 103 8.11 -8.17 0.14
CA LEU A 103 8.82 -8.76 -0.99
C LEU A 103 8.61 -10.27 -0.98
N ASP A 104 7.99 -10.79 -2.03
CA ASP A 104 7.70 -12.21 -2.16
C ASP A 104 8.67 -12.85 -3.14
N LEU A 105 9.24 -13.99 -2.74
CA LEU A 105 10.12 -14.77 -3.59
C LEU A 105 9.51 -16.14 -3.83
N PHE A 106 9.70 -16.66 -5.04
CA PHE A 106 9.29 -18.01 -5.37
C PHE A 106 10.36 -18.69 -6.21
N THR A 107 10.28 -20.01 -6.27
CA THR A 107 11.30 -20.83 -6.92
C THR A 107 10.67 -21.73 -7.97
N ALA A 108 11.40 -21.95 -9.06
CA ALA A 108 11.01 -22.90 -10.09
C ALA A 108 12.27 -23.50 -10.69
N LEU A 109 12.20 -24.78 -11.04
CA LEU A 109 13.32 -25.42 -11.73
C LEU A 109 13.24 -25.14 -13.23
N ALA A 110 14.32 -25.52 -13.94
CA ALA A 110 14.44 -25.16 -15.34
C ALA A 110 13.33 -25.76 -16.18
N GLU A 111 13.17 -27.09 -16.12
CA GLU A 111 12.03 -27.79 -16.71
C GLU A 111 10.71 -27.03 -16.59
N GLU A 112 10.46 -26.37 -15.47
CA GLU A 112 9.15 -25.79 -15.17
C GLU A 112 9.11 -24.27 -15.33
N LYS A 113 10.18 -23.66 -15.83
CA LYS A 113 10.23 -22.20 -15.90
C LYS A 113 9.07 -21.58 -16.67
N PRO A 114 8.73 -22.03 -17.89
CA PRO A 114 7.59 -21.38 -18.59
C PRO A 114 6.27 -21.52 -17.87
N TYR A 115 5.97 -22.71 -17.33
CA TYR A 115 4.72 -22.90 -16.61
C TYR A 115 4.64 -22.00 -15.38
N ALA A 116 5.77 -21.74 -14.73
CA ALA A 116 5.76 -20.95 -13.51
C ALA A 116 5.61 -19.46 -13.81
N ILE A 117 6.31 -18.96 -14.84
CA ILE A 117 6.16 -17.56 -15.23
C ILE A 117 4.71 -17.25 -15.57
N PHE A 118 4.01 -18.19 -16.22
CA PHE A 118 2.61 -17.96 -16.54
C PHE A 118 1.77 -17.87 -15.27
N HIS A 119 2.08 -18.70 -14.29
CA HIS A 119 1.32 -18.71 -13.04
C HIS A 119 1.53 -17.42 -12.25
N PHE A 120 2.79 -17.06 -12.00
CA PHE A 120 3.11 -15.98 -11.07
C PHE A 120 2.91 -14.58 -11.61
N THR A 121 2.60 -14.38 -12.88
CA THR A 121 2.28 -13.03 -13.34
C THR A 121 0.80 -12.72 -13.26
N GLY A 122 -0.06 -13.71 -13.46
CA GLY A 122 -1.47 -13.51 -13.26
C GLY A 122 -2.10 -12.67 -14.34
N PRO A 123 -3.18 -11.97 -13.99
CA PRO A 123 -3.77 -11.96 -12.64
C PRO A 123 -4.61 -13.21 -12.33
N VAL A 124 -5.22 -13.23 -11.14
CA VAL A 124 -5.89 -14.43 -10.67
C VAL A 124 -7.12 -14.74 -11.53
N SER A 125 -7.93 -13.72 -11.81
CA SER A 125 -9.12 -13.92 -12.63
C SER A 125 -8.76 -14.49 -14.00
N TYR A 126 -7.65 -14.02 -14.58
CA TYR A 126 -7.22 -14.51 -15.88
C TYR A 126 -6.93 -16.00 -15.85
N LEU A 127 -6.26 -16.48 -14.79
CA LEU A 127 -5.90 -17.89 -14.73
C LEU A 127 -7.08 -18.78 -14.32
N ILE A 128 -7.99 -18.25 -13.51
CA ILE A 128 -9.19 -19.00 -13.15
C ILE A 128 -9.95 -19.40 -14.42
N ARG A 129 -10.11 -18.45 -15.34
CA ARG A 129 -10.81 -18.72 -16.59
C ARG A 129 -10.02 -19.67 -17.49
N ILE A 130 -8.70 -19.51 -17.55
CA ILE A 130 -7.90 -20.41 -18.38
C ILE A 130 -7.93 -21.83 -17.85
N ARG A 131 -7.70 -21.99 -16.53
CA ARG A 131 -7.64 -23.34 -15.97
C ARG A 131 -9.02 -23.99 -15.90
N ALA A 132 -10.08 -23.19 -15.74
CA ALA A 132 -11.43 -23.75 -15.82
C ALA A 132 -11.71 -24.30 -17.21
N ALA A 133 -11.29 -23.57 -18.25
CA ALA A 133 -11.48 -24.05 -19.62
C ALA A 133 -10.76 -25.37 -19.85
N LEU A 134 -9.53 -25.50 -19.33
CA LEU A 134 -8.80 -26.75 -19.46
C LEU A 134 -9.32 -27.83 -18.51
N LYS A 135 -9.95 -27.41 -17.41
CA LYS A 135 -10.56 -28.38 -16.50
C LYS A 135 -11.69 -29.14 -17.18
N LYS A 136 -12.44 -28.47 -18.06
CA LYS A 136 -13.55 -29.09 -18.75
C LYS A 136 -13.11 -29.84 -20.00
N LYS A 137 -11.81 -30.07 -20.18
CA LYS A 137 -11.29 -31.04 -21.12
C LYS A 137 -10.38 -32.04 -20.40
N ASN A 138 -10.62 -32.21 -19.10
CA ASN A 138 -9.86 -33.14 -18.24
C ASN A 138 -8.36 -32.84 -18.31
N TYR A 139 -8.02 -31.60 -18.02
CA TYR A 139 -6.63 -31.17 -17.85
C TYR A 139 -6.50 -30.41 -16.54
N LYS A 140 -5.34 -30.54 -15.91
CA LYS A 140 -4.98 -29.72 -14.76
C LYS A 140 -3.68 -29.00 -15.09
N LEU A 141 -3.68 -27.68 -14.93
CA LEU A 141 -2.50 -26.86 -15.18
C LEU A 141 -2.13 -26.12 -13.90
N ASN A 142 -0.85 -26.16 -13.55
CA ASN A 142 -0.32 -25.53 -12.36
C ASN A 142 1.00 -24.85 -12.68
N GLN A 143 1.65 -24.32 -11.65
CA GLN A 143 2.98 -23.75 -11.81
C GLN A 143 3.99 -24.74 -12.39
N TYR A 144 3.75 -26.04 -12.24
CA TYR A 144 4.76 -27.05 -12.52
C TYR A 144 4.60 -27.70 -13.88
N GLY A 145 3.38 -27.82 -14.40
CA GLY A 145 3.18 -28.38 -15.72
C GLY A 145 1.72 -28.48 -16.06
N LEU A 146 1.44 -29.15 -17.17
CA LEU A 146 0.08 -29.48 -17.58
C LEU A 146 -0.11 -30.99 -17.48
N PHE A 147 -1.22 -31.40 -16.87
CA PHE A 147 -1.42 -32.80 -16.55
C PHE A 147 -2.72 -33.33 -17.12
N LYS A 148 -2.65 -34.58 -17.59
CA LYS A 148 -3.81 -35.32 -18.08
C LYS A 148 -3.63 -36.76 -17.60
N ASN A 149 -4.50 -37.19 -16.68
CA ASN A 149 -4.46 -38.53 -16.08
C ASN A 149 -3.23 -38.68 -15.17
N GLN A 150 -3.07 -37.75 -14.24
CA GLN A 150 -2.01 -37.78 -13.23
C GLN A 150 -0.62 -37.87 -13.84
N THR A 151 -0.49 -37.52 -15.13
CA THR A 151 0.77 -37.64 -15.86
C THR A 151 1.12 -36.31 -16.52
N LEU A 152 2.41 -35.97 -16.54
CA LEU A 152 2.88 -34.77 -17.19
C LEU A 152 2.71 -34.89 -18.71
N VAL A 153 2.23 -33.83 -19.32
CA VAL A 153 2.03 -33.79 -20.77
C VAL A 153 3.28 -33.17 -21.37
N PRO A 154 4.04 -33.91 -22.18
CA PRO A 154 5.30 -33.37 -22.71
C PRO A 154 5.11 -32.37 -23.85
N LEU A 155 5.14 -31.08 -23.52
CA LEU A 155 5.07 -30.02 -24.53
C LEU A 155 6.48 -29.60 -24.93
N LYS A 156 6.78 -29.72 -26.22
CA LYS A 156 8.06 -29.29 -26.77
C LYS A 156 8.04 -27.77 -26.82
N ILE A 157 8.22 -27.15 -25.66
CA ILE A 157 8.13 -25.71 -25.49
C ILE A 157 9.31 -25.23 -24.65
N THR A 158 9.54 -23.93 -24.69
CA THR A 158 10.62 -23.32 -23.90
C THR A 158 10.15 -22.03 -23.24
N THR A 159 9.60 -21.12 -24.02
CA THR A 159 9.14 -19.83 -23.53
C THR A 159 7.71 -19.93 -23.01
N GLU A 160 7.34 -18.96 -22.17
CA GLU A 160 5.96 -18.83 -21.73
C GLU A 160 5.03 -18.55 -22.91
N LYS A 161 5.52 -17.85 -23.92
CA LYS A 161 4.68 -17.49 -25.06
C LYS A 161 4.31 -18.72 -25.89
N GLU A 162 5.26 -19.66 -26.08
CA GLU A 162 4.94 -20.88 -26.78
C GLU A 162 3.97 -21.76 -25.99
N LEU A 163 4.02 -21.67 -24.65
CA LEU A 163 3.12 -22.45 -23.83
C LEU A 163 1.69 -21.98 -23.98
N ILE A 164 1.46 -20.66 -23.86
CA ILE A 164 0.11 -20.11 -23.94
C ILE A 164 -0.54 -20.48 -25.28
N LYS A 165 0.23 -20.40 -26.37
CA LYS A 165 -0.32 -20.77 -27.67
C LYS A 165 -0.55 -22.27 -27.78
N GLU A 166 0.31 -23.08 -27.15
CA GLU A 166 0.11 -24.52 -27.21
C GLU A 166 -1.05 -24.99 -26.35
N LEU A 167 -1.46 -24.22 -25.35
CA LEU A 167 -2.64 -24.54 -24.58
C LEU A 167 -3.92 -24.18 -25.31
N GLY A 168 -3.83 -23.48 -26.44
CA GLY A 168 -5.00 -23.11 -27.21
C GLY A 168 -5.57 -21.76 -26.85
N PHE A 169 -4.72 -20.78 -26.62
CA PHE A 169 -5.14 -19.39 -26.48
C PHE A 169 -4.08 -18.48 -27.07
N THR A 170 -4.49 -17.27 -27.42
CA THR A 170 -3.61 -16.31 -28.05
C THR A 170 -2.70 -15.69 -27.01
N TYR A 171 -1.47 -15.39 -27.40
CA TYR A 171 -0.56 -14.73 -26.48
C TYR A 171 -0.94 -13.27 -26.36
N ARG A 172 -0.85 -12.76 -25.14
CA ARG A 172 -1.11 -11.36 -24.83
C ARG A 172 0.09 -10.81 -24.10
N ILE A 173 0.45 -9.56 -24.38
CA ILE A 173 1.49 -8.96 -23.52
C ILE A 173 0.98 -8.98 -22.08
N PRO A 174 1.85 -9.18 -21.08
CA PRO A 174 1.37 -9.33 -19.70
C PRO A 174 0.46 -8.20 -19.23
N LYS A 175 0.69 -6.98 -19.72
CA LYS A 175 -0.06 -5.82 -19.26
C LYS A 175 -1.47 -5.72 -19.84
N LYS A 176 -1.85 -6.61 -20.78
CA LYS A 176 -3.21 -6.67 -21.29
C LYS A 176 -3.87 -8.01 -20.99
N ARG A 177 -3.47 -8.66 -19.91
CA ARG A 177 -4.14 -9.84 -19.38
C ARG A 177 -5.03 -9.43 -18.21
N LEU A 178 -6.31 -9.77 -18.29
CA LEU A 178 -7.28 -9.29 -17.32
C LEU A 178 -8.16 -10.43 -16.81
N GLY B 4 3.61 1.80 13.45
CA GLY B 4 3.24 0.48 12.98
C GLY B 4 2.29 0.50 11.80
N MET B 5 2.19 -0.63 11.11
CA MET B 5 1.36 -0.76 9.93
C MET B 5 0.03 -1.40 10.28
N LEU B 6 -1.02 -1.04 9.54
CA LEU B 6 -2.35 -1.55 9.82
C LEU B 6 -3.13 -1.75 8.54
N THR B 7 -4.04 -2.72 8.57
CA THR B 7 -5.02 -2.90 7.53
C THR B 7 -6.08 -1.81 7.64
N LEU B 8 -6.88 -1.67 6.59
CA LEU B 8 -8.01 -0.74 6.67
C LEU B 8 -9.05 -1.23 7.67
N ILE B 9 -9.20 -2.54 7.83
CA ILE B 9 -10.18 -3.07 8.77
C ILE B 9 -9.78 -2.73 10.19
N GLN B 10 -8.50 -2.91 10.52
CA GLN B 10 -8.00 -2.47 11.83
C GLN B 10 -8.15 -0.97 12.02
N GLY B 11 -7.83 -0.19 10.98
CA GLY B 11 -7.97 1.25 11.09
C GLY B 11 -9.38 1.68 11.43
N LYS B 12 -10.36 1.17 10.70
CA LYS B 12 -11.76 1.48 11.00
C LYS B 12 -12.14 1.02 12.41
N LYS B 13 -11.67 -0.17 12.81
CA LYS B 13 -11.94 -0.66 14.15
C LYS B 13 -11.35 0.27 15.20
N ILE B 14 -10.14 0.79 14.95
CA ILE B 14 -9.53 1.74 15.88
C ILE B 14 -10.35 3.03 15.94
N VAL B 15 -10.76 3.55 14.78
CA VAL B 15 -11.50 4.80 14.76
C VAL B 15 -12.83 4.65 15.49
N ASN B 16 -13.55 3.55 15.25
CA ASN B 16 -14.81 3.32 15.95
C ASN B 16 -14.62 3.24 17.46
N HIS B 17 -13.48 2.71 17.91
CA HIS B 17 -13.13 2.74 19.32
C HIS B 17 -13.03 4.18 19.82
N LEU B 18 -12.29 5.00 19.08
CA LEU B 18 -11.96 6.33 19.54
C LEU B 18 -13.13 7.30 19.47
N ARG B 19 -14.03 7.11 18.51
CA ARG B 19 -15.08 8.11 18.24
C ARG B 19 -15.83 8.50 19.51
N SER B 20 -16.04 7.56 20.43
CA SER B 20 -16.71 7.85 21.69
C SER B 20 -15.74 8.22 22.81
N ARG B 21 -14.44 8.03 22.63
CA ARG B 21 -13.49 8.08 23.73
C ARG B 21 -12.35 9.07 23.54
N LEU B 22 -12.64 10.26 23.03
CA LEU B 22 -11.69 11.36 23.07
C LEU B 22 -12.32 12.56 23.76
N ALA B 23 -11.43 13.38 24.32
CA ALA B 23 -11.81 14.44 25.24
C ALA B 23 -10.58 15.31 25.46
N PHE B 24 -10.82 16.54 25.91
CA PHE B 24 -9.76 17.46 26.26
C PHE B 24 -10.12 18.11 27.59
N GLU B 25 -9.08 18.52 28.29
CA GLU B 25 -9.22 19.16 29.57
C GLU B 25 -9.15 20.64 29.39
N TYR B 26 -10.20 21.30 29.83
CA TYR B 26 -10.35 22.72 29.72
C TYR B 26 -10.33 23.16 31.14
N ASN B 27 -9.39 24.05 31.48
CA ASN B 27 -9.18 24.45 32.85
C ASN B 27 -8.92 23.16 33.59
N GLY B 28 -9.75 22.80 34.54
CA GLY B 28 -9.57 21.53 35.21
C GLY B 28 -10.56 20.46 34.79
N GLN B 29 -11.64 20.91 34.17
CA GLN B 29 -12.72 20.06 33.71
C GLN B 29 -12.40 19.26 32.47
N LEU B 30 -13.04 18.10 32.35
CA LEU B 30 -12.83 17.25 31.22
C LEU B 30 -14.01 17.32 30.29
N ILE B 31 -13.80 17.92 29.13
CA ILE B 31 -14.84 18.06 28.12
C ILE B 31 -14.61 17.00 27.07
N LYS B 32 -15.65 16.25 26.73
CA LYS B 32 -15.55 15.26 25.67
C LYS B 32 -15.80 15.87 24.29
N ILE B 33 -15.27 15.17 23.28
CA ILE B 33 -15.42 15.49 21.86
C ILE B 33 -16.42 14.48 21.29
N LEU B 34 -17.43 14.96 20.56
CA LEU B 34 -18.49 14.09 20.02
C LEU B 34 -18.16 13.61 18.60
N SER B 35 -18.62 12.39 18.22
CA SER B 35 -18.25 11.89 16.88
C SER B 35 -18.60 12.83 15.75
N LYS B 36 -19.79 13.46 15.80
CA LYS B 36 -20.18 14.39 14.74
C LYS B 36 -18.98 15.27 14.35
N ASN B 37 -18.24 15.78 15.34
CA ASN B 37 -17.09 16.65 15.12
C ASN B 37 -15.77 15.89 14.94
N ILE B 38 -15.83 14.60 14.65
CA ILE B 38 -14.64 13.80 14.35
C ILE B 38 -14.79 13.28 12.92
N VAL B 39 -13.79 13.55 12.09
CA VAL B 39 -13.84 13.21 10.67
C VAL B 39 -12.60 12.40 10.34
N ALA B 40 -12.82 11.17 9.85
CA ALA B 40 -11.71 10.35 9.42
C ALA B 40 -11.11 10.89 8.13
N VAL B 41 -9.80 11.10 8.12
CA VAL B 41 -9.12 11.66 6.96
C VAL B 41 -7.87 10.82 6.64
N GLY B 42 -6.96 11.39 5.87
CA GLY B 42 -5.74 10.71 5.51
C GLY B 42 -6.00 9.52 4.60
N SER B 43 -5.04 8.59 4.63
CA SER B 43 -5.14 7.38 3.82
C SER B 43 -6.38 6.56 4.16
N LEU B 44 -6.90 6.69 5.38
CA LEU B 44 -8.09 5.94 5.76
C LEU B 44 -9.31 6.38 4.95
N ARG B 45 -9.48 7.70 4.76
CA ARG B 45 -10.61 8.16 3.95
C ARG B 45 -10.44 7.80 2.49
N ARG B 46 -9.20 7.78 1.99
CA ARG B 46 -8.96 7.31 0.63
C ARG B 46 -9.14 5.80 0.50
N GLU B 47 -9.36 5.11 1.62
CA GLU B 47 -9.62 3.67 1.68
C GLU B 47 -8.57 2.86 0.91
N GLU B 48 -7.32 3.04 1.34
CA GLU B 48 -6.21 2.21 0.93
C GLU B 48 -6.17 0.93 1.78
N LYS B 49 -5.58 -0.13 1.23
CA LYS B 49 -5.61 -1.41 1.93
C LYS B 49 -4.68 -1.42 3.14
N MET B 50 -3.55 -0.70 3.07
CA MET B 50 -2.63 -0.62 4.19
C MET B 50 -2.36 0.85 4.53
N LEU B 51 -2.14 1.09 5.82
CA LEU B 51 -1.97 2.43 6.36
C LEU B 51 -0.69 2.48 7.19
N ASN B 52 -0.01 3.63 7.15
CA ASN B 52 1.12 3.85 8.04
C ASN B 52 0.71 4.57 9.32
N ASP B 53 -0.50 5.12 9.37
CA ASP B 53 -0.99 5.86 10.52
C ASP B 53 -2.50 5.92 10.44
N VAL B 54 -3.10 6.52 11.47
CA VAL B 54 -4.54 6.79 11.52
C VAL B 54 -4.71 8.28 11.74
N ASP B 55 -5.28 8.97 10.77
CA ASP B 55 -5.42 10.42 10.79
C ASP B 55 -6.86 10.81 11.07
N LEU B 56 -7.06 11.65 12.08
CA LEU B 56 -8.38 12.20 12.38
C LEU B 56 -8.31 13.71 12.43
N LEU B 57 -9.45 14.34 12.11
CA LEU B 57 -9.60 15.78 12.12
C LEU B 57 -10.71 16.16 13.08
N ILE B 58 -10.39 17.04 14.03
CA ILE B 58 -11.32 17.43 15.09
C ILE B 58 -11.81 18.83 14.79
N ILE B 59 -13.12 19.01 14.76
CA ILE B 59 -13.73 20.30 14.49
C ILE B 59 -13.98 20.97 15.83
N VAL B 60 -13.28 22.08 16.09
CA VAL B 60 -13.44 22.84 17.32
C VAL B 60 -14.44 23.95 17.04
N PRO B 61 -15.52 24.06 17.84
CA PRO B 61 -16.59 25.02 17.51
C PRO B 61 -16.35 26.43 18.02
N GLU B 62 -15.13 26.78 18.39
CA GLU B 62 -14.83 28.12 18.88
C GLU B 62 -13.34 28.37 18.80
N LYS B 63 -12.95 29.52 18.25
CA LYS B 63 -11.55 29.83 18.01
C LYS B 63 -10.76 29.86 19.32
N LYS B 64 -11.38 30.30 20.41
CA LYS B 64 -10.65 30.42 21.67
C LYS B 64 -10.19 29.07 22.18
N LEU B 65 -10.91 28.00 21.84
CA LEU B 65 -10.59 26.67 22.34
C LEU B 65 -9.38 26.04 21.65
N LEU B 66 -8.84 26.68 20.62
CA LEU B 66 -7.66 26.14 19.94
C LEU B 66 -6.49 26.01 20.91
N LYS B 67 -6.39 26.90 21.89
CA LYS B 67 -5.39 26.77 22.95
C LYS B 67 -5.46 25.40 23.63
N HIS B 68 -6.66 24.90 23.87
CA HIS B 68 -6.87 23.89 24.92
C HIS B 68 -7.20 22.49 24.42
N VAL B 69 -7.60 22.32 23.16
CA VAL B 69 -8.10 21.02 22.72
C VAL B 69 -6.95 20.03 22.54
N LEU B 70 -6.10 20.29 21.54
CA LEU B 70 -5.02 19.35 21.27
C LEU B 70 -3.99 19.27 22.39
N PRO B 71 -3.51 20.37 22.99
CA PRO B 71 -2.51 20.23 24.05
C PRO B 71 -3.05 19.57 25.31
N ASN B 72 -4.35 19.51 25.51
CA ASN B 72 -4.89 18.81 26.68
C ASN B 72 -5.72 17.61 26.25
N ILE B 73 -5.34 17.00 25.12
CA ILE B 73 -6.08 15.87 24.59
C ILE B 73 -5.91 14.68 25.54
N ARG B 74 -7.01 13.98 25.78
CA ARG B 74 -7.02 12.81 26.65
C ARG B 74 -7.77 11.71 25.93
N ILE B 75 -7.34 10.47 26.14
CA ILE B 75 -7.95 9.31 25.49
C ILE B 75 -8.41 8.35 26.57
N LYS B 76 -9.71 8.07 26.57
CA LYS B 76 -10.40 7.21 27.52
C LYS B 76 -9.75 5.83 27.55
N GLY B 77 -9.09 5.49 28.66
CA GLY B 77 -8.52 4.17 28.87
C GLY B 77 -7.69 3.63 27.72
N LEU B 78 -6.52 4.23 27.48
CA LEU B 78 -5.66 3.81 26.38
C LEU B 78 -4.25 4.36 26.53
N SER B 79 -3.24 3.50 26.47
CA SER B 79 -1.86 3.92 26.67
C SER B 79 -1.34 4.61 25.40
N PHE B 80 -0.73 5.79 25.59
CA PHE B 80 -0.15 6.52 24.47
C PHE B 80 0.88 7.50 24.99
N SER B 81 1.88 7.78 24.15
CA SER B 81 2.88 8.81 24.40
C SER B 81 2.75 9.93 23.37
N VAL B 82 3.32 11.07 23.70
CA VAL B 82 3.27 12.25 22.84
C VAL B 82 4.56 12.35 22.05
N LYS B 83 4.45 12.36 20.73
CA LYS B 83 5.61 12.63 19.87
C LYS B 83 5.86 14.13 19.78
N VAL B 84 4.97 14.86 19.10
CA VAL B 84 4.96 16.32 19.07
C VAL B 84 3.51 16.75 19.14
N CYS B 85 3.29 18.00 19.56
CA CYS B 85 1.93 18.50 19.73
C CYS B 85 1.93 20.03 19.74
N GLY B 86 1.04 20.61 18.95
CA GLY B 86 0.75 22.04 19.02
C GLY B 86 -0.75 22.26 19.01
N GLU B 87 -1.19 23.48 18.68
CA GLU B 87 -2.62 23.75 18.61
C GLU B 87 -3.26 23.07 17.41
N ARG B 88 -2.53 22.92 16.31
CA ARG B 88 -3.10 22.48 15.04
C ARG B 88 -2.78 21.04 14.68
N LYS B 89 -1.63 20.50 15.09
CA LYS B 89 -1.33 19.12 14.78
C LYS B 89 -0.72 18.43 16.00
N CYS B 90 -1.18 17.20 16.25
CA CYS B 90 -0.78 16.41 17.40
C CYS B 90 -0.49 14.99 16.94
N VAL B 91 0.69 14.47 17.27
CA VAL B 91 1.11 13.14 16.84
C VAL B 91 1.26 12.26 18.07
N LEU B 92 0.47 11.21 18.14
CA LEU B 92 0.43 10.27 19.25
C LEU B 92 0.96 8.91 18.81
N PHE B 93 1.60 8.21 19.74
CA PHE B 93 1.94 6.80 19.56
C PHE B 93 1.12 5.98 20.55
N ILE B 94 0.06 5.32 20.06
CA ILE B 94 -0.88 4.61 20.90
C ILE B 94 -0.61 3.11 20.86
N GLU B 95 -1.05 2.43 21.92
CA GLU B 95 -1.04 0.98 22.02
C GLU B 95 -2.47 0.47 21.93
N TRP B 96 -2.71 -0.46 21.00
CA TRP B 96 -4.04 -0.95 20.69
C TRP B 96 -4.25 -2.40 21.11
N GLU B 97 -3.48 -3.33 20.55
CA GLU B 97 -3.52 -4.73 20.93
C GLU B 97 -2.09 -5.23 21.01
N LYS B 98 -1.34 -4.67 21.98
CA LYS B 98 0.07 -4.98 22.19
C LYS B 98 0.91 -4.63 20.97
N LYS B 99 0.53 -3.56 20.28
CA LYS B 99 1.28 -3.02 19.15
C LYS B 99 1.19 -1.50 19.17
N THR B 100 2.09 -0.87 18.44
CA THR B 100 2.24 0.58 18.46
C THR B 100 1.88 1.16 17.10
N TYR B 101 0.96 2.12 17.09
CA TYR B 101 0.50 2.74 15.85
C TYR B 101 0.52 4.26 15.98
N GLN B 102 0.94 4.92 14.90
CA GLN B 102 0.95 6.38 14.87
C GLN B 102 -0.47 6.90 14.67
N LEU B 103 -0.89 7.83 15.53
CA LEU B 103 -2.19 8.46 15.41
C LEU B 103 -1.99 9.97 15.34
N ASP B 104 -2.38 10.56 14.21
CA ASP B 104 -2.24 11.99 13.99
C ASP B 104 -3.60 12.67 14.16
N LEU B 105 -3.61 13.76 14.91
CA LEU B 105 -4.80 14.58 15.10
C LEU B 105 -4.54 15.97 14.54
N PHE B 106 -5.57 16.56 13.95
CA PHE B 106 -5.50 17.95 13.50
C PHE B 106 -6.82 18.63 13.81
N THR B 107 -6.79 19.97 13.81
CA THR B 107 -7.94 20.76 14.22
C THR B 107 -8.33 21.73 13.11
N ALA B 108 -9.63 21.95 12.97
CA ALA B 108 -10.15 22.97 12.07
C ALA B 108 -11.41 23.52 12.69
N LEU B 109 -11.63 24.81 12.53
CA LEU B 109 -12.89 25.36 12.98
C LEU B 109 -13.95 25.12 11.91
N ALA B 110 -15.22 25.35 12.27
CA ALA B 110 -16.30 25.03 11.34
C ALA B 110 -16.12 25.85 10.06
N GLU B 111 -15.92 27.16 10.24
CA GLU B 111 -15.47 28.07 9.19
C GLU B 111 -14.54 27.43 8.15
N GLU B 112 -13.60 26.60 8.57
CA GLU B 112 -12.58 26.05 7.67
C GLU B 112 -12.76 24.57 7.37
N LYS B 113 -13.86 23.97 7.82
CA LYS B 113 -14.05 22.52 7.71
C LYS B 113 -13.98 22.01 6.27
N PRO B 114 -14.69 22.57 5.28
CA PRO B 114 -14.55 22.04 3.91
C PRO B 114 -13.14 22.17 3.37
N TYR B 115 -12.49 23.32 3.59
CA TYR B 115 -11.11 23.49 3.12
C TYR B 115 -10.16 22.51 3.80
N ALA B 116 -10.42 22.19 5.06
CA ALA B 116 -9.53 21.30 5.80
C ALA B 116 -9.73 19.84 5.41
N ILE B 117 -10.99 19.40 5.26
CA ILE B 117 -11.24 18.04 4.79
C ILE B 117 -10.59 17.83 3.43
N PHE B 118 -10.59 18.87 2.59
CA PHE B 118 -9.94 18.77 1.29
C PHE B 118 -8.42 18.64 1.44
N HIS B 119 -7.83 19.40 2.37
CA HIS B 119 -6.39 19.36 2.57
C HIS B 119 -5.94 18.02 3.15
N PHE B 120 -6.52 17.63 4.27
CA PHE B 120 -6.06 16.45 5.01
C PHE B 120 -6.49 15.13 4.36
N THR B 121 -7.24 15.16 3.27
CA THR B 121 -7.59 13.92 2.59
C THR B 121 -6.53 13.50 1.59
N GLY B 122 -5.91 14.45 0.91
CA GLY B 122 -4.81 14.17 0.03
C GLY B 122 -5.23 13.42 -1.22
N PRO B 123 -4.30 12.69 -1.84
CA PRO B 123 -2.91 12.59 -1.43
C PRO B 123 -2.10 13.82 -1.84
N VAL B 124 -0.79 13.81 -1.59
CA VAL B 124 0.01 15.01 -1.80
C VAL B 124 0.08 15.37 -3.28
N SER B 125 0.32 14.38 -4.14
CA SER B 125 0.40 14.63 -5.58
C SER B 125 -0.87 15.30 -6.10
N TYR B 126 -2.04 14.86 -5.62
CA TYR B 126 -3.30 15.43 -6.09
C TYR B 126 -3.40 16.91 -5.77
N LEU B 127 -3.00 17.32 -4.57
CA LEU B 127 -3.15 18.71 -4.18
C LEU B 127 -2.08 19.62 -4.79
N ILE B 128 -0.88 19.08 -5.02
CA ILE B 128 0.16 19.86 -5.67
C ILE B 128 -0.32 20.38 -7.02
N ARG B 129 -0.97 19.52 -7.81
CA ARG B 129 -1.44 19.94 -9.14
C ARG B 129 -2.56 20.96 -9.02
N ILE B 130 -3.48 20.75 -8.08
CA ILE B 130 -4.60 21.67 -7.90
C ILE B 130 -4.09 23.05 -7.50
N ARG B 131 -3.21 23.10 -6.51
CA ARG B 131 -2.71 24.40 -6.03
C ARG B 131 -1.77 25.04 -7.04
N ALA B 132 -1.04 24.24 -7.82
CA ALA B 132 -0.23 24.80 -8.89
C ALA B 132 -1.10 25.49 -9.93
N ALA B 133 -2.21 24.84 -10.31
CA ALA B 133 -3.12 25.44 -11.28
C ALA B 133 -3.71 26.74 -10.77
N LEU B 134 -4.09 26.79 -9.49
CA LEU B 134 -4.62 28.01 -8.92
C LEU B 134 -3.54 29.03 -8.62
N LYS B 135 -2.30 28.59 -8.43
CA LYS B 135 -1.19 29.54 -8.26
C LYS B 135 -0.98 30.37 -9.51
N LYS B 136 -1.19 29.78 -10.69
CA LYS B 136 -0.98 30.48 -11.95
C LYS B 136 -2.18 31.32 -12.37
N LYS B 137 -3.14 31.56 -11.48
CA LYS B 137 -4.15 32.60 -11.61
C LYS B 137 -4.14 33.49 -10.38
N ASN B 138 -3.00 33.57 -9.70
CA ASN B 138 -2.83 34.39 -8.49
C ASN B 138 -3.83 34.00 -7.40
N TYR B 139 -3.82 32.72 -7.05
CA TYR B 139 -4.60 32.20 -5.94
C TYR B 139 -3.68 31.39 -5.03
N LYS B 140 -3.99 31.40 -3.73
CA LYS B 140 -3.35 30.54 -2.76
C LYS B 140 -4.42 29.72 -2.06
N LEU B 141 -4.23 28.40 -2.02
CA LEU B 141 -5.15 27.49 -1.35
C LEU B 141 -4.42 26.73 -0.27
N ASN B 142 -4.99 26.72 0.94
CA ASN B 142 -4.37 26.01 2.06
C ASN B 142 -5.46 25.35 2.87
N GLN B 143 -5.06 24.76 4.01
CA GLN B 143 -5.98 24.15 4.95
C GLN B 143 -7.08 25.10 5.43
N TYR B 144 -6.86 26.41 5.36
CA TYR B 144 -7.75 27.37 6.01
C TYR B 144 -8.71 28.06 5.05
N GLY B 145 -8.34 28.27 3.80
CA GLY B 145 -9.26 28.90 2.87
C GLY B 145 -8.61 29.13 1.53
N LEU B 146 -9.30 29.92 0.71
CA LEU B 146 -8.79 30.35 -0.58
C LEU B 146 -8.48 31.85 -0.51
N PHE B 147 -7.30 32.22 -0.99
CA PHE B 147 -6.75 33.57 -0.83
C PHE B 147 -6.40 34.15 -2.19
N LYS B 148 -6.62 35.45 -2.36
CA LYS B 148 -6.17 36.17 -3.55
C LYS B 148 -5.70 37.54 -3.10
N ASN B 149 -4.37 37.77 -3.10
CA ASN B 149 -3.78 39.02 -2.65
C ASN B 149 -3.99 39.23 -1.15
N GLN B 150 -3.54 38.26 -0.36
CA GLN B 150 -3.57 38.31 1.11
C GLN B 150 -4.97 38.47 1.69
N THR B 151 -6.03 38.19 0.94
CA THR B 151 -7.38 38.26 1.48
C THR B 151 -8.12 36.98 1.15
N LEU B 152 -8.87 36.46 2.11
CA LEU B 152 -9.68 35.27 1.88
C LEU B 152 -10.85 35.58 0.97
N VAL B 153 -11.11 34.66 0.03
CA VAL B 153 -12.17 34.82 -0.95
C VAL B 153 -13.45 34.19 -0.37
N PRO B 154 -14.51 34.97 -0.15
CA PRO B 154 -15.72 34.40 0.46
C PRO B 154 -16.48 33.49 -0.50
N LEU B 155 -16.25 32.19 -0.40
CA LEU B 155 -16.97 31.21 -1.20
C LEU B 155 -18.18 30.73 -0.41
N LYS B 156 -19.37 30.95 -0.94
CA LYS B 156 -20.61 30.51 -0.28
C LYS B 156 -20.77 29.01 -0.45
N ILE B 157 -19.99 28.26 0.32
CA ILE B 157 -19.96 26.81 0.25
C ILE B 157 -19.99 26.23 1.65
N THR B 158 -20.28 24.93 1.72
CA THR B 158 -20.34 24.21 2.99
C THR B 158 -19.66 22.85 2.87
N THR B 159 -20.01 22.09 1.84
CA THR B 159 -19.46 20.75 1.66
C THR B 159 -18.11 20.80 0.98
N GLU B 160 -17.31 19.75 1.19
CA GLU B 160 -16.07 19.60 0.45
C GLU B 160 -16.32 19.47 -1.04
N LYS B 161 -17.43 18.86 -1.42
CA LYS B 161 -17.75 18.69 -2.85
C LYS B 161 -18.07 20.03 -3.50
N GLU B 162 -18.81 20.89 -2.80
CA GLU B 162 -19.13 22.21 -3.35
C GLU B 162 -17.88 23.06 -3.52
N LEU B 163 -16.87 22.85 -2.68
CA LEU B 163 -15.62 23.60 -2.80
C LEU B 163 -14.87 23.22 -4.08
N ILE B 164 -14.67 21.92 -4.29
CA ILE B 164 -13.89 21.45 -5.43
C ILE B 164 -14.48 21.94 -6.75
N LYS B 165 -15.81 21.88 -6.88
CA LYS B 165 -16.44 22.35 -8.09
C LYS B 165 -16.39 23.87 -8.20
N GLU B 166 -16.47 24.58 -7.06
CA GLU B 166 -16.35 26.03 -7.09
C GLU B 166 -14.93 26.47 -7.39
N LEU B 167 -13.94 25.63 -7.13
CA LEU B 167 -12.56 25.91 -7.52
C LEU B 167 -12.30 25.65 -9.00
N GLY B 168 -13.23 25.03 -9.70
CA GLY B 168 -13.06 24.76 -11.12
C GLY B 168 -12.39 23.43 -11.42
N PHE B 169 -12.78 22.39 -10.69
CA PHE B 169 -12.37 21.02 -11.00
C PHE B 169 -13.50 20.05 -10.68
N THR B 170 -13.45 18.89 -11.32
CA THR B 170 -14.49 17.88 -11.17
C THR B 170 -14.31 17.13 -9.86
N TYR B 171 -15.42 16.81 -9.21
CA TYR B 171 -15.36 16.07 -7.96
C TYR B 171 -15.09 14.59 -8.21
N ARG B 172 -14.22 14.01 -7.39
CA ARG B 172 -13.97 12.58 -7.36
C ARG B 172 -14.06 12.11 -5.92
N ILE B 173 -14.66 10.93 -5.73
CA ILE B 173 -14.70 10.28 -4.42
C ILE B 173 -13.26 10.07 -3.96
N PRO B 174 -12.99 10.14 -2.65
CA PRO B 174 -11.59 10.12 -2.18
C PRO B 174 -10.72 9.00 -2.72
N LYS B 175 -11.25 7.80 -2.97
CA LYS B 175 -10.36 6.72 -3.39
C LYS B 175 -9.94 6.83 -4.85
N LYS B 176 -10.47 7.79 -5.60
CA LYS B 176 -10.06 8.00 -6.99
C LYS B 176 -9.37 9.35 -7.20
N ARG B 177 -8.78 9.91 -6.15
CA ARG B 177 -7.91 11.07 -6.29
C ARG B 177 -6.46 10.60 -6.19
N LEU B 178 -5.70 10.78 -7.26
CA LEU B 178 -4.33 10.30 -7.33
C LEU B 178 -3.42 11.32 -8.02
#